data_2L8S
#
_entry.id   2L8S
#
_entity_poly.entity_id   1
_entity_poly.type   'polypeptide(L)'
_entity_poly.pdbx_seq_one_letter_code
;MGLPGRVPLWVILLSAFAGLLLLMLLILALWKIGFFKRPLKKKMEKLEHHHHHH
;
_entity_poly.pdbx_strand_id   A
#
# COMPACT_ATOMS: atom_id res chain seq x y z
N MET A 1 25.75 -23.24 0.32
CA MET A 1 24.93 -22.14 -0.28
C MET A 1 25.20 -20.85 0.49
N GLY A 2 24.97 -19.72 -0.17
CA GLY A 2 25.18 -18.43 0.46
C GLY A 2 25.68 -17.40 -0.56
N LEU A 3 24.80 -16.48 -0.93
CA LEU A 3 25.16 -15.44 -1.90
C LEU A 3 26.13 -14.44 -1.26
N PRO A 4 27.01 -13.85 -2.05
CA PRO A 4 27.99 -12.85 -1.52
C PRO A 4 27.29 -11.59 -1.00
N GLY A 5 25.97 -11.64 -0.99
CA GLY A 5 25.18 -10.49 -0.54
C GLY A 5 24.87 -9.56 -1.69
N ARG A 6 25.13 -10.03 -2.91
CA ARG A 6 24.87 -9.22 -4.09
C ARG A 6 23.50 -8.56 -4.02
N VAL A 7 23.30 -7.53 -4.83
CA VAL A 7 22.03 -6.83 -4.86
C VAL A 7 21.49 -6.77 -6.29
N PRO A 8 20.68 -7.73 -6.70
CA PRO A 8 20.10 -7.76 -8.07
C PRO A 8 19.28 -6.50 -8.38
N LEU A 9 19.54 -5.90 -9.54
CA LEU A 9 18.81 -4.71 -9.96
C LEU A 9 17.31 -4.94 -9.82
N TRP A 10 16.91 -6.20 -9.95
CA TRP A 10 15.51 -6.58 -9.83
C TRP A 10 14.96 -6.22 -8.45
N VAL A 11 15.84 -6.18 -7.47
CA VAL A 11 15.42 -5.87 -6.10
C VAL A 11 14.55 -4.62 -6.11
N ILE A 12 14.90 -3.67 -6.96
CA ILE A 12 14.15 -2.42 -7.06
C ILE A 12 12.77 -2.68 -7.67
N LEU A 13 12.75 -3.54 -8.68
CA LEU A 13 11.48 -3.87 -9.33
C LEU A 13 10.67 -4.78 -8.41
N LEU A 14 11.28 -5.89 -8.03
CA LEU A 14 10.63 -6.86 -7.16
C LEU A 14 10.17 -6.22 -5.86
N SER A 15 10.93 -5.25 -5.37
CA SER A 15 10.53 -4.58 -4.14
C SER A 15 9.44 -3.59 -4.48
N ALA A 16 9.76 -2.67 -5.37
CA ALA A 16 8.80 -1.65 -5.76
C ALA A 16 7.46 -2.30 -6.05
N PHE A 17 7.49 -3.47 -6.68
CA PHE A 17 6.25 -4.17 -7.00
C PHE A 17 5.63 -4.74 -5.72
N ALA A 18 6.49 -5.24 -4.84
CA ALA A 18 6.01 -5.82 -3.58
C ALA A 18 5.34 -4.76 -2.72
N GLY A 19 6.04 -3.65 -2.51
CA GLY A 19 5.50 -2.56 -1.69
C GLY A 19 4.28 -1.93 -2.35
N LEU A 20 4.25 -1.92 -3.68
CA LEU A 20 3.12 -1.34 -4.39
C LEU A 20 1.80 -1.94 -3.89
N LEU A 21 1.82 -3.24 -3.68
CA LEU A 21 0.63 -3.97 -3.25
C LEU A 21 0.07 -3.39 -1.97
N LEU A 22 0.93 -3.17 -0.98
CA LEU A 22 0.46 -2.62 0.28
C LEU A 22 0.17 -1.13 0.08
N LEU A 23 1.11 -0.43 -0.54
CA LEU A 23 0.96 1.00 -0.77
C LEU A 23 -0.39 1.28 -1.45
N MET A 24 -0.81 0.36 -2.32
CA MET A 24 -2.10 0.52 -2.98
C MET A 24 -3.22 0.18 -1.99
N LEU A 25 -3.12 -1.00 -1.40
CA LEU A 25 -4.14 -1.49 -0.47
C LEU A 25 -4.46 -0.46 0.61
N LEU A 26 -3.47 0.30 1.05
CA LEU A 26 -3.72 1.31 2.07
C LEU A 26 -4.64 2.38 1.48
N ILE A 27 -4.24 2.89 0.32
CA ILE A 27 -5.00 3.92 -0.38
C ILE A 27 -6.42 3.44 -0.67
N LEU A 28 -6.53 2.20 -1.14
CA LEU A 28 -7.84 1.65 -1.43
C LEU A 28 -8.57 1.38 -0.12
N ALA A 29 -7.85 0.79 0.83
CA ALA A 29 -8.43 0.48 2.12
C ALA A 29 -9.10 1.72 2.71
N LEU A 30 -8.38 2.84 2.72
CA LEU A 30 -8.95 4.08 3.25
C LEU A 30 -10.28 4.36 2.57
N TRP A 31 -10.26 4.34 1.24
CA TRP A 31 -11.44 4.65 0.46
C TRP A 31 -12.66 3.91 1.02
N LYS A 32 -12.52 2.63 1.30
CA LYS A 32 -13.63 1.85 1.87
C LYS A 32 -14.04 2.47 3.20
N ILE A 33 -13.05 2.81 4.01
CA ILE A 33 -13.30 3.43 5.30
C ILE A 33 -13.65 4.89 5.13
N GLY A 34 -13.47 5.40 3.90
CA GLY A 34 -13.77 6.80 3.60
C GLY A 34 -15.15 6.92 2.96
N PHE A 35 -15.27 6.41 1.74
CA PHE A 35 -16.54 6.46 1.04
C PHE A 35 -17.66 6.07 2.00
N PHE A 36 -17.48 4.94 2.68
CA PHE A 36 -18.48 4.46 3.62
C PHE A 36 -18.84 5.54 4.65
N LYS A 37 -17.90 6.44 4.91
CA LYS A 37 -18.14 7.51 5.86
C LYS A 37 -18.79 8.72 5.17
N ARG A 38 -19.56 8.44 4.14
CA ARG A 38 -20.23 9.51 3.39
C ARG A 38 -21.47 8.97 2.66
N PRO A 39 -22.54 8.73 3.38
CA PRO A 39 -23.82 8.23 2.79
C PRO A 39 -24.30 9.09 1.63
N LEU A 40 -24.82 8.45 0.59
CA LEU A 40 -25.31 9.20 -0.56
C LEU A 40 -26.65 9.87 -0.27
N LYS A 41 -26.84 11.03 -0.91
CA LYS A 41 -28.06 11.84 -0.76
C LYS A 41 -29.14 11.15 0.06
N LYS A 42 -29.21 11.50 1.35
CA LYS A 42 -30.21 10.91 2.23
C LYS A 42 -31.56 10.87 1.52
N LYS A 43 -32.51 10.14 2.11
CA LYS A 43 -33.85 10.05 1.52
C LYS A 43 -34.68 11.27 1.87
N MET A 44 -35.92 11.29 1.40
CA MET A 44 -36.82 12.41 1.67
C MET A 44 -38.14 11.92 2.22
N GLU A 45 -39.23 12.31 1.58
CA GLU A 45 -40.57 11.90 2.01
C GLU A 45 -40.82 12.35 3.45
N LYS A 46 -39.93 13.18 3.97
CA LYS A 46 -40.07 13.69 5.33
C LYS A 46 -39.64 12.62 6.34
N MET A 1 15.37 -15.78 9.93
CA MET A 1 15.68 -16.84 8.92
C MET A 1 17.12 -16.67 8.45
N GLY A 2 17.28 -16.24 7.20
CA GLY A 2 18.63 -16.05 6.64
C GLY A 2 18.56 -15.41 5.26
N LEU A 3 18.60 -14.09 5.23
CA LEU A 3 18.54 -13.37 3.96
C LEU A 3 19.88 -13.49 3.23
N PRO A 4 19.88 -13.44 1.92
CA PRO A 4 21.14 -13.56 1.13
C PRO A 4 22.30 -12.83 1.78
N GLY A 5 21.99 -11.83 2.62
CA GLY A 5 23.00 -11.04 3.29
C GLY A 5 23.33 -9.80 2.46
N ARG A 6 22.90 -9.82 1.20
CA ARG A 6 23.10 -8.70 0.29
C ARG A 6 21.82 -8.49 -0.53
N VAL A 7 21.44 -7.23 -0.73
CA VAL A 7 20.22 -6.95 -1.49
C VAL A 7 20.56 -6.43 -2.90
N PRO A 8 20.60 -7.28 -3.91
CA PRO A 8 20.94 -6.85 -5.30
C PRO A 8 19.83 -6.00 -5.92
N LEU A 9 20.21 -5.11 -6.82
CA LEU A 9 19.26 -4.24 -7.49
C LEU A 9 18.03 -5.03 -7.92
N TRP A 10 18.22 -6.33 -8.15
CA TRP A 10 17.14 -7.19 -8.56
C TRP A 10 15.98 -7.05 -7.58
N VAL A 11 16.32 -7.03 -6.30
CA VAL A 11 15.31 -6.90 -5.24
C VAL A 11 14.47 -5.65 -5.43
N ILE A 12 15.11 -4.56 -5.86
CA ILE A 12 14.41 -3.30 -6.07
C ILE A 12 13.23 -3.48 -7.01
N LEU A 13 13.47 -4.16 -8.13
CA LEU A 13 12.41 -4.38 -9.11
C LEU A 13 11.19 -4.96 -8.42
N LEU A 14 11.42 -5.97 -7.60
CA LEU A 14 10.34 -6.61 -6.87
C LEU A 14 9.85 -5.69 -5.77
N SER A 15 10.76 -4.89 -5.24
CA SER A 15 10.41 -3.98 -4.15
C SER A 15 9.26 -3.09 -4.61
N ALA A 16 9.46 -2.40 -5.73
CA ALA A 16 8.43 -1.52 -6.26
C ALA A 16 7.20 -2.34 -6.63
N PHE A 17 7.42 -3.58 -7.04
CA PHE A 17 6.31 -4.46 -7.42
C PHE A 17 5.41 -4.69 -6.22
N ALA A 18 6.03 -4.90 -5.05
CA ALA A 18 5.27 -5.13 -3.83
C ALA A 18 4.65 -3.80 -3.36
N GLY A 19 5.38 -2.72 -3.59
CA GLY A 19 4.92 -1.39 -3.20
C GLY A 19 3.72 -0.97 -4.04
N LEU A 20 3.81 -1.21 -5.34
CA LEU A 20 2.73 -0.85 -6.26
C LEU A 20 1.47 -1.67 -5.96
N LEU A 21 1.68 -2.89 -5.51
CA LEU A 21 0.56 -3.78 -5.17
C LEU A 21 -0.07 -3.36 -3.85
N LEU A 22 0.77 -3.12 -2.87
CA LEU A 22 0.31 -2.70 -1.55
C LEU A 22 -0.14 -1.25 -1.58
N LEU A 23 0.54 -0.45 -2.40
CA LEU A 23 0.18 0.97 -2.47
C LEU A 23 -1.33 1.07 -2.67
N MET A 24 -1.83 0.43 -3.71
CA MET A 24 -3.26 0.48 -3.99
C MET A 24 -4.06 0.14 -2.73
N LEU A 25 -3.62 -0.89 -2.03
CA LEU A 25 -4.31 -1.30 -0.80
C LEU A 25 -4.41 -0.11 0.16
N LEU A 26 -3.30 0.59 0.34
CA LEU A 26 -3.27 1.74 1.25
C LEU A 26 -4.36 2.74 0.86
N ILE A 27 -4.62 2.87 -0.43
CA ILE A 27 -5.67 3.77 -0.89
C ILE A 27 -7.01 3.08 -0.69
N LEU A 28 -7.13 1.93 -1.33
CA LEU A 28 -8.35 1.14 -1.27
C LEU A 28 -8.84 1.02 0.17
N ALA A 29 -7.92 0.76 1.10
CA ALA A 29 -8.29 0.65 2.50
C ALA A 29 -8.76 2.00 3.02
N LEU A 30 -8.12 3.06 2.52
CA LEU A 30 -8.47 4.41 2.93
C LEU A 30 -9.98 4.60 2.84
N TRP A 31 -10.55 4.04 1.77
CA TRP A 31 -11.99 4.14 1.54
C TRP A 31 -12.77 3.36 2.60
N LYS A 32 -12.21 2.24 3.06
CA LYS A 32 -12.88 1.48 4.11
C LYS A 32 -12.97 2.35 5.34
N ILE A 33 -11.83 2.90 5.72
CA ILE A 33 -11.74 3.77 6.88
C ILE A 33 -12.43 5.10 6.58
N GLY A 34 -13.11 5.16 5.43
CA GLY A 34 -13.81 6.37 5.02
C GLY A 34 -15.30 6.13 4.85
N PHE A 35 -15.94 5.71 5.94
CA PHE A 35 -17.37 5.43 5.91
C PHE A 35 -17.78 4.79 4.58
N PHE A 36 -17.05 3.78 4.19
CA PHE A 36 -17.38 3.04 2.97
C PHE A 36 -17.49 1.56 3.29
N LYS A 37 -17.32 1.25 4.57
CA LYS A 37 -17.42 -0.13 5.03
C LYS A 37 -18.85 -0.63 4.87
N ARG A 38 -19.80 0.10 5.44
CA ARG A 38 -21.20 -0.27 5.35
C ARG A 38 -21.45 -1.67 5.93
N PRO A 39 -21.47 -1.78 7.23
CA PRO A 39 -21.70 -3.08 7.92
C PRO A 39 -23.17 -3.45 7.94
N LEU A 40 -23.86 -3.07 9.03
CA LEU A 40 -25.30 -3.35 9.22
C LEU A 40 -25.87 -4.20 8.10
N LYS A 41 -25.78 -5.52 8.25
CA LYS A 41 -26.29 -6.44 7.25
C LYS A 41 -27.72 -6.09 6.84
N LYS A 42 -28.66 -6.30 7.76
CA LYS A 42 -30.07 -6.01 7.49
C LYS A 42 -30.48 -6.58 6.13
N LYS A 43 -31.07 -7.77 6.15
CA LYS A 43 -31.51 -8.42 4.92
C LYS A 43 -32.87 -9.08 5.10
N MET A 44 -33.80 -8.76 4.20
CA MET A 44 -35.14 -9.33 4.28
C MET A 44 -35.11 -10.83 3.98
N GLU A 45 -35.87 -11.60 4.75
CA GLU A 45 -35.93 -13.04 4.56
C GLU A 45 -36.82 -13.39 3.37
N LYS A 46 -37.63 -14.43 3.51
CA LYS A 46 -38.52 -14.84 2.45
C LYS A 46 -39.63 -15.75 2.99
N MET A 1 27.85 0.62 9.77
CA MET A 1 28.79 -0.51 9.56
C MET A 1 29.22 -0.54 8.09
N GLY A 2 30.51 -0.77 7.86
CA GLY A 2 31.04 -0.83 6.50
C GLY A 2 30.63 -2.12 5.80
N LEU A 3 29.56 -2.74 6.32
CA LEU A 3 29.06 -3.98 5.74
C LEU A 3 28.22 -3.67 4.48
N PRO A 4 28.51 -4.29 3.34
CA PRO A 4 27.71 -4.01 2.11
C PRO A 4 26.26 -4.49 2.29
N GLY A 5 25.82 -5.50 1.55
CA GLY A 5 24.45 -5.96 1.68
C GLY A 5 23.54 -5.23 0.70
N ARG A 6 24.06 -4.99 -0.50
CA ARG A 6 23.28 -4.32 -1.53
C ARG A 6 22.90 -5.31 -2.62
N VAL A 7 21.60 -5.58 -2.76
CA VAL A 7 21.13 -6.55 -3.75
C VAL A 7 21.02 -5.91 -5.15
N PRO A 8 21.15 -6.70 -6.19
CA PRO A 8 21.06 -6.19 -7.58
C PRO A 8 19.79 -5.38 -7.83
N LEU A 9 19.92 -4.40 -8.73
CA LEU A 9 18.81 -3.52 -9.08
C LEU A 9 17.52 -4.29 -9.36
N TRP A 10 17.64 -5.51 -9.86
CA TRP A 10 16.45 -6.30 -10.18
C TRP A 10 15.60 -6.50 -8.95
N VAL A 11 16.26 -6.73 -7.82
CA VAL A 11 15.54 -6.94 -6.56
C VAL A 11 14.69 -5.73 -6.24
N ILE A 12 15.23 -4.56 -6.54
CA ILE A 12 14.53 -3.30 -6.30
C ILE A 12 13.26 -3.25 -7.15
N LEU A 13 13.37 -3.76 -8.37
CA LEU A 13 12.24 -3.77 -9.29
C LEU A 13 11.06 -4.50 -8.66
N LEU A 14 11.34 -5.66 -8.08
CA LEU A 14 10.29 -6.43 -7.42
C LEU A 14 9.91 -5.75 -6.12
N SER A 15 10.91 -5.12 -5.49
CA SER A 15 10.67 -4.43 -4.24
C SER A 15 9.55 -3.41 -4.43
N ALA A 16 9.69 -2.60 -5.46
CA ALA A 16 8.68 -1.61 -5.75
C ALA A 16 7.37 -2.31 -6.09
N PHE A 17 7.49 -3.49 -6.69
CA PHE A 17 6.30 -4.25 -7.05
C PHE A 17 5.58 -4.75 -5.81
N ALA A 18 6.34 -5.28 -4.86
CA ALA A 18 5.76 -5.76 -3.62
C ALA A 18 5.17 -4.58 -2.84
N GLY A 19 5.99 -3.56 -2.66
CA GLY A 19 5.55 -2.37 -1.93
C GLY A 19 4.28 -1.81 -2.54
N LEU A 20 4.27 -1.67 -3.87
CA LEU A 20 3.09 -1.16 -4.57
C LEU A 20 1.89 -2.05 -4.30
N LEU A 21 2.17 -3.33 -4.14
CA LEU A 21 1.11 -4.32 -3.89
C LEU A 21 0.33 -3.95 -2.63
N LEU A 22 1.06 -3.69 -1.55
CA LEU A 22 0.45 -3.30 -0.29
C LEU A 22 0.05 -1.83 -0.34
N LEU A 23 0.86 -1.05 -1.04
CA LEU A 23 0.59 0.38 -1.12
C LEU A 23 -0.87 0.60 -1.50
N MET A 24 -1.29 0.02 -2.62
CA MET A 24 -2.66 0.19 -3.09
C MET A 24 -3.66 -0.11 -1.98
N LEU A 25 -3.40 -1.14 -1.19
CA LEU A 25 -4.30 -1.50 -0.09
C LEU A 25 -4.56 -0.29 0.80
N LEU A 26 -3.47 0.42 1.15
CA LEU A 26 -3.59 1.60 2.01
C LEU A 26 -4.55 2.62 1.40
N ILE A 27 -4.56 2.71 0.07
CA ILE A 27 -5.50 3.62 -0.60
C ILE A 27 -6.87 2.95 -0.61
N LEU A 28 -6.90 1.79 -1.25
CA LEU A 28 -8.13 1.03 -1.37
C LEU A 28 -8.86 1.00 -0.03
N ALA A 29 -8.11 0.83 1.05
CA ALA A 29 -8.70 0.80 2.39
C ALA A 29 -9.30 2.16 2.74
N LEU A 30 -8.58 3.23 2.40
CA LEU A 30 -9.05 4.59 2.68
C LEU A 30 -10.49 4.75 2.21
N TRP A 31 -10.81 4.17 1.06
CA TRP A 31 -12.16 4.24 0.49
C TRP A 31 -13.17 3.60 1.44
N LYS A 32 -12.71 2.60 2.19
CA LYS A 32 -13.59 1.93 3.13
C LYS A 32 -13.90 2.89 4.28
N ILE A 33 -12.86 3.49 4.81
CA ILE A 33 -12.98 4.44 5.92
C ILE A 33 -13.16 5.86 5.40
N GLY A 34 -13.29 6.01 4.09
CA GLY A 34 -13.47 7.33 3.49
C GLY A 34 -14.85 7.49 2.87
N PHE A 35 -15.01 6.97 1.65
CA PHE A 35 -16.29 7.05 0.96
C PHE A 35 -17.44 6.72 1.88
N PHE A 36 -17.10 6.04 2.96
CA PHE A 36 -18.08 5.69 3.97
C PHE A 36 -18.34 6.92 4.84
N LYS A 37 -17.25 7.51 5.29
CA LYS A 37 -17.31 8.70 6.14
C LYS A 37 -17.77 9.92 5.34
N ARG A 38 -18.76 9.70 4.47
CA ARG A 38 -19.33 10.76 3.61
C ARG A 38 -18.60 12.10 3.74
N PRO A 39 -17.46 12.21 3.11
CA PRO A 39 -16.64 13.47 3.16
C PRO A 39 -17.46 14.70 2.77
N LEU A 40 -16.89 15.88 3.01
CA LEU A 40 -17.58 17.13 2.71
C LEU A 40 -17.55 17.40 1.20
N LYS A 41 -17.03 18.56 0.81
CA LYS A 41 -16.96 18.91 -0.60
C LYS A 41 -18.36 19.02 -1.21
N LYS A 42 -18.56 20.01 -2.06
CA LYS A 42 -19.87 20.22 -2.70
C LYS A 42 -19.77 19.91 -4.19
N LYS A 43 -18.57 19.62 -4.66
CA LYS A 43 -18.37 19.31 -6.08
C LYS A 43 -19.16 20.27 -6.95
N MET A 44 -19.41 19.86 -8.20
CA MET A 44 -20.16 20.70 -9.12
C MET A 44 -21.60 20.20 -9.25
N GLU A 45 -22.42 20.92 -10.00
CA GLU A 45 -23.81 20.53 -10.19
C GLU A 45 -23.95 19.55 -11.34
N LYS A 46 -25.14 18.97 -11.47
CA LYS A 46 -25.41 18.01 -12.53
C LYS A 46 -26.90 17.69 -12.60
N MET A 1 32.30 -12.98 -12.06
CA MET A 1 33.22 -13.14 -10.89
C MET A 1 32.40 -13.26 -9.61
N GLY A 2 31.25 -12.61 -9.60
CA GLY A 2 30.37 -12.64 -8.43
C GLY A 2 30.11 -11.23 -7.91
N LEU A 3 29.13 -11.11 -7.04
CA LEU A 3 28.79 -9.80 -6.48
C LEU A 3 29.39 -9.64 -5.08
N PRO A 4 29.77 -8.45 -4.68
CA PRO A 4 30.36 -8.22 -3.32
C PRO A 4 29.29 -8.28 -2.23
N GLY A 5 28.33 -9.17 -2.41
CA GLY A 5 27.25 -9.32 -1.44
C GLY A 5 26.19 -8.24 -1.63
N ARG A 6 26.28 -7.54 -2.76
CA ARG A 6 25.32 -6.47 -3.05
C ARG A 6 24.00 -7.06 -3.57
N VAL A 7 22.93 -6.30 -3.41
CA VAL A 7 21.62 -6.75 -3.85
C VAL A 7 21.42 -6.49 -5.36
N PRO A 8 20.80 -7.39 -6.08
CA PRO A 8 20.56 -7.22 -7.56
C PRO A 8 19.53 -6.15 -7.86
N LEU A 9 19.69 -5.49 -9.01
CA LEU A 9 18.75 -4.46 -9.43
C LEU A 9 17.34 -5.03 -9.51
N TRP A 10 17.26 -6.31 -9.81
CA TRP A 10 15.96 -6.96 -9.93
C TRP A 10 15.16 -6.69 -8.66
N VAL A 11 15.83 -6.82 -7.54
CA VAL A 11 15.19 -6.61 -6.25
C VAL A 11 14.42 -5.30 -6.22
N ILE A 12 14.97 -4.27 -6.87
CA ILE A 12 14.30 -2.98 -6.89
C ILE A 12 12.88 -3.12 -7.41
N LEU A 13 12.72 -3.82 -8.52
CA LEU A 13 11.39 -3.98 -9.10
C LEU A 13 10.53 -4.79 -8.15
N LEU A 14 10.98 -5.98 -7.77
CA LEU A 14 10.23 -6.81 -6.85
C LEU A 14 9.85 -6.02 -5.61
N SER A 15 10.71 -5.06 -5.26
CA SER A 15 10.41 -4.24 -4.09
C SER A 15 9.34 -3.24 -4.48
N ALA A 16 9.63 -2.44 -5.51
CA ALA A 16 8.69 -1.44 -5.98
C ALA A 16 7.34 -2.09 -6.26
N PHE A 17 7.36 -3.36 -6.66
CA PHE A 17 6.13 -4.08 -6.96
C PHE A 17 5.46 -4.53 -5.67
N ALA A 18 6.26 -4.93 -4.68
CA ALA A 18 5.71 -5.36 -3.40
C ALA A 18 5.21 -4.17 -2.61
N GLY A 19 5.98 -3.09 -2.62
CA GLY A 19 5.61 -1.88 -1.90
C GLY A 19 4.36 -1.25 -2.52
N LEU A 20 4.32 -1.22 -3.84
CA LEU A 20 3.18 -0.65 -4.55
C LEU A 20 1.91 -1.40 -4.18
N LEU A 21 2.04 -2.71 -3.98
CA LEU A 21 0.89 -3.53 -3.61
C LEU A 21 0.54 -3.27 -2.16
N LEU A 22 1.54 -3.25 -1.30
CA LEU A 22 1.32 -2.97 0.12
C LEU A 22 0.73 -1.59 0.26
N LEU A 23 1.20 -0.67 -0.58
CA LEU A 23 0.70 0.71 -0.57
C LEU A 23 -0.69 0.79 -1.19
N MET A 24 -0.81 0.23 -2.39
CA MET A 24 -2.06 0.30 -3.13
C MET A 24 -3.26 -0.03 -2.24
N LEU A 25 -3.20 -1.14 -1.50
CA LEU A 25 -4.31 -1.51 -0.62
C LEU A 25 -4.49 -0.41 0.43
N LEU A 26 -3.36 0.18 0.83
CA LEU A 26 -3.37 1.23 1.84
C LEU A 26 -4.29 2.37 1.40
N ILE A 27 -4.17 2.77 0.14
CA ILE A 27 -5.03 3.84 -0.40
C ILE A 27 -6.41 3.28 -0.72
N LEU A 28 -6.42 2.23 -1.52
CA LEU A 28 -7.69 1.62 -1.90
C LEU A 28 -8.53 1.40 -0.64
N ALA A 29 -7.93 0.79 0.37
CA ALA A 29 -8.62 0.51 1.62
C ALA A 29 -9.17 1.80 2.24
N LEU A 30 -8.46 2.91 2.05
CA LEU A 30 -8.91 4.18 2.61
C LEU A 30 -10.37 4.45 2.19
N TRP A 31 -10.68 4.15 0.93
CA TRP A 31 -12.03 4.38 0.41
C TRP A 31 -13.10 3.68 1.23
N LYS A 32 -12.78 2.50 1.76
CA LYS A 32 -13.75 1.77 2.57
C LYS A 32 -13.95 2.45 3.92
N ILE A 33 -12.83 2.77 4.57
CA ILE A 33 -12.89 3.41 5.87
C ILE A 33 -13.21 4.90 5.71
N GLY A 34 -13.53 5.29 4.48
CA GLY A 34 -13.87 6.67 4.18
C GLY A 34 -15.25 6.76 3.54
N PHE A 35 -15.39 6.19 2.34
CA PHE A 35 -16.66 6.20 1.63
C PHE A 35 -17.78 5.71 2.53
N PHE A 36 -17.50 4.66 3.29
CA PHE A 36 -18.50 4.09 4.20
C PHE A 36 -18.60 4.94 5.47
N LYS A 37 -17.81 6.01 5.50
CA LYS A 37 -17.81 6.91 6.65
C LYS A 37 -17.91 6.13 7.95
N ARG A 38 -17.25 4.98 8.00
CA ARG A 38 -17.28 4.13 9.19
C ARG A 38 -15.88 3.61 9.53
N PRO A 39 -14.98 4.48 9.84
CA PRO A 39 -13.57 4.11 10.21
C PRO A 39 -13.46 3.66 11.66
N LEU A 40 -12.24 3.71 12.20
CA LEU A 40 -11.99 3.33 13.59
C LEU A 40 -10.82 4.16 14.10
N LYS A 41 -9.92 4.49 13.18
CA LYS A 41 -8.77 5.31 13.50
C LYS A 41 -9.16 6.78 13.52
N LYS A 42 -8.30 7.64 14.03
CA LYS A 42 -8.63 9.06 14.08
C LYS A 42 -7.37 9.92 14.03
N LYS A 43 -7.56 11.20 13.73
CA LYS A 43 -6.44 12.14 13.65
C LYS A 43 -5.83 12.38 15.02
N MET A 44 -5.86 11.35 15.88
CA MET A 44 -5.31 11.45 17.22
C MET A 44 -5.57 12.83 17.82
N GLU A 45 -4.77 13.19 18.82
CA GLU A 45 -4.91 14.48 19.47
C GLU A 45 -4.68 15.61 18.46
N LYS A 46 -3.82 16.57 18.81
CA LYS A 46 -3.54 17.68 17.92
C LYS A 46 -2.18 18.30 18.24
N MET A 1 32.63 -11.21 -10.22
CA MET A 1 33.67 -12.10 -9.63
C MET A 1 33.77 -11.83 -8.14
N GLY A 2 32.69 -12.11 -7.40
CA GLY A 2 32.68 -11.89 -5.96
C GLY A 2 32.42 -10.42 -5.64
N LEU A 3 31.15 -10.07 -5.45
CA LEU A 3 30.80 -8.68 -5.14
C LEU A 3 31.00 -8.40 -3.64
N PRO A 4 31.35 -7.19 -3.27
CA PRO A 4 31.58 -6.83 -1.84
C PRO A 4 30.28 -6.73 -1.02
N GLY A 5 29.36 -7.66 -1.27
CA GLY A 5 28.10 -7.67 -0.52
C GLY A 5 27.12 -6.63 -1.08
N ARG A 6 27.20 -6.40 -2.40
CA ARG A 6 26.32 -5.42 -3.03
C ARG A 6 25.04 -6.09 -3.53
N VAL A 7 23.90 -5.55 -3.10
CA VAL A 7 22.61 -6.11 -3.48
C VAL A 7 22.22 -5.63 -4.89
N PRO A 8 21.78 -6.51 -5.77
CA PRO A 8 21.40 -6.13 -7.17
C PRO A 8 20.12 -5.29 -7.23
N LEU A 9 20.06 -4.42 -8.23
CA LEU A 9 18.90 -3.57 -8.44
C LEU A 9 17.62 -4.41 -8.56
N TRP A 10 17.78 -5.64 -9.02
CA TRP A 10 16.65 -6.53 -9.21
C TRP A 10 15.79 -6.58 -7.95
N VAL A 11 16.46 -6.54 -6.80
CA VAL A 11 15.74 -6.58 -5.53
C VAL A 11 14.77 -5.40 -5.44
N ILE A 12 15.21 -4.25 -5.96
CA ILE A 12 14.37 -3.05 -5.93
C ILE A 12 13.18 -3.21 -6.87
N LEU A 13 13.44 -3.80 -8.04
CA LEU A 13 12.39 -4.00 -9.02
C LEU A 13 11.23 -4.76 -8.38
N LEU A 14 11.58 -5.79 -7.61
CA LEU A 14 10.58 -6.58 -6.92
C LEU A 14 9.99 -5.75 -5.79
N SER A 15 10.84 -4.93 -5.18
CA SER A 15 10.41 -4.10 -4.06
C SER A 15 9.24 -3.22 -4.49
N ALA A 16 9.40 -2.54 -5.61
CA ALA A 16 8.34 -1.70 -6.11
C ALA A 16 7.17 -2.58 -6.51
N PHE A 17 7.48 -3.77 -7.01
CA PHE A 17 6.43 -4.70 -7.41
C PHE A 17 5.59 -5.06 -6.18
N ALA A 18 6.26 -5.26 -5.05
CA ALA A 18 5.56 -5.59 -3.82
C ALA A 18 4.87 -4.35 -3.24
N GLY A 19 5.61 -3.25 -3.16
CA GLY A 19 5.05 -2.01 -2.63
C GLY A 19 3.80 -1.61 -3.41
N LEU A 20 3.91 -1.62 -4.73
CA LEU A 20 2.79 -1.30 -5.61
C LEU A 20 1.60 -2.19 -5.29
N LEU A 21 1.88 -3.38 -4.79
CA LEU A 21 0.85 -4.34 -4.44
C LEU A 21 0.09 -3.87 -3.21
N LEU A 22 0.83 -3.49 -2.17
CA LEU A 22 0.24 -3.01 -0.93
C LEU A 22 -0.29 -1.58 -1.08
N LEU A 23 0.44 -0.78 -1.85
CA LEU A 23 0.05 0.62 -2.01
C LEU A 23 -1.43 0.67 -2.38
N MET A 24 -1.82 -0.05 -3.42
CA MET A 24 -3.22 -0.06 -3.85
C MET A 24 -4.15 -0.35 -2.67
N LEU A 25 -3.71 -1.24 -1.78
CA LEU A 25 -4.53 -1.58 -0.61
C LEU A 25 -4.61 -0.38 0.32
N LEU A 26 -3.47 0.29 0.52
CA LEU A 26 -3.43 1.47 1.38
C LEU A 26 -4.43 2.51 0.87
N ILE A 27 -4.61 2.54 -0.45
CA ILE A 27 -5.58 3.45 -1.03
C ILE A 27 -6.98 2.88 -0.84
N LEU A 28 -7.19 1.70 -1.42
CA LEU A 28 -8.48 1.03 -1.33
C LEU A 28 -8.98 1.01 0.11
N ALA A 29 -8.04 0.90 1.06
CA ALA A 29 -8.41 0.91 2.46
C ALA A 29 -8.84 2.32 2.89
N LEU A 30 -8.07 3.30 2.44
CA LEU A 30 -8.33 4.70 2.78
C LEU A 30 -9.81 5.05 2.56
N TRP A 31 -10.41 4.48 1.53
CA TRP A 31 -11.82 4.73 1.25
C TRP A 31 -12.69 4.00 2.27
N LYS A 32 -12.40 2.73 2.47
CA LYS A 32 -13.18 1.94 3.40
C LYS A 32 -13.28 2.72 4.71
N ILE A 33 -12.13 3.14 5.22
CA ILE A 33 -12.09 3.88 6.48
C ILE A 33 -12.49 5.34 6.29
N GLY A 34 -12.94 5.71 5.08
CA GLY A 34 -13.33 7.09 4.82
C GLY A 34 -14.60 7.17 3.97
N PHE A 35 -14.49 6.78 2.70
CA PHE A 35 -15.62 6.81 1.79
C PHE A 35 -16.90 6.33 2.46
N PHE A 36 -16.72 5.59 3.54
CA PHE A 36 -17.86 5.10 4.30
C PHE A 36 -18.14 6.06 5.43
N LYS A 37 -17.06 6.52 6.06
CA LYS A 37 -17.17 7.44 7.17
C LYS A 37 -18.11 6.88 8.24
N ARG A 38 -17.98 5.58 8.49
CA ARG A 38 -18.82 4.92 9.49
C ARG A 38 -18.80 5.67 10.82
N PRO A 39 -19.78 5.45 11.67
CA PRO A 39 -19.87 6.12 13.02
C PRO A 39 -18.58 5.93 13.83
N LEU A 40 -18.69 5.84 15.16
CA LEU A 40 -17.53 5.64 16.02
C LEU A 40 -17.57 4.25 16.65
N LYS A 41 -16.73 4.01 17.65
CA LYS A 41 -16.69 2.71 18.32
C LYS A 41 -17.31 2.81 19.71
N LYS A 42 -18.18 1.85 20.04
CA LYS A 42 -18.83 1.83 21.33
C LYS A 42 -19.45 0.45 21.61
N LYS A 43 -19.96 -0.17 20.56
CA LYS A 43 -20.58 -1.48 20.69
C LYS A 43 -21.46 -1.53 21.95
N MET A 44 -21.06 -2.35 22.91
CA MET A 44 -21.82 -2.50 24.16
C MET A 44 -20.96 -2.09 25.35
N GLU A 45 -21.58 -2.08 26.53
CA GLU A 45 -20.87 -1.71 27.75
C GLU A 45 -19.71 -2.65 28.01
N LYS A 46 -19.33 -2.79 29.28
CA LYS A 46 -18.23 -3.67 29.64
C LYS A 46 -18.50 -4.34 30.98
N MET A 1 32.80 -13.72 8.10
CA MET A 1 33.59 -12.64 8.76
C MET A 1 32.98 -11.28 8.44
N GLY A 2 31.68 -11.28 8.15
CA GLY A 2 30.98 -10.04 7.83
C GLY A 2 30.42 -10.08 6.40
N LEU A 3 29.09 -10.02 6.30
CA LEU A 3 28.44 -10.06 4.99
C LEU A 3 28.59 -8.70 4.30
N PRO A 4 28.65 -8.67 2.99
CA PRO A 4 28.81 -7.39 2.22
C PRO A 4 27.60 -6.46 2.40
N GLY A 5 26.45 -7.04 2.72
CA GLY A 5 25.24 -6.25 2.93
C GLY A 5 24.71 -5.69 1.62
N ARG A 6 25.53 -5.70 0.59
CA ARG A 6 25.12 -5.16 -0.72
C ARG A 6 23.83 -5.84 -1.18
N VAL A 7 22.81 -5.03 -1.44
CA VAL A 7 21.52 -5.55 -1.89
C VAL A 7 21.39 -5.46 -3.42
N PRO A 8 21.42 -6.57 -4.13
CA PRO A 8 21.29 -6.56 -5.63
C PRO A 8 20.14 -5.68 -6.10
N LEU A 9 20.30 -5.08 -7.28
CA LEU A 9 19.28 -4.21 -7.86
C LEU A 9 17.97 -4.96 -8.09
N TRP A 10 18.05 -6.26 -8.33
CA TRP A 10 16.86 -7.05 -8.59
C TRP A 10 15.86 -6.88 -7.46
N VAL A 11 16.36 -6.83 -6.24
CA VAL A 11 15.50 -6.68 -5.07
C VAL A 11 14.61 -5.44 -5.21
N ILE A 12 15.18 -4.38 -5.77
CA ILE A 12 14.44 -3.13 -5.95
C ILE A 12 13.30 -3.27 -6.96
N LEU A 13 13.54 -4.04 -8.01
CA LEU A 13 12.53 -4.22 -9.04
C LEU A 13 11.27 -4.83 -8.46
N LEU A 14 11.45 -5.88 -7.67
CA LEU A 14 10.33 -6.53 -7.03
C LEU A 14 9.72 -5.56 -6.01
N SER A 15 10.60 -4.86 -5.32
CA SER A 15 10.17 -3.92 -4.29
C SER A 15 9.14 -2.96 -4.86
N ALA A 16 9.46 -2.35 -5.99
CA ALA A 16 8.53 -1.43 -6.61
C ALA A 16 7.28 -2.19 -7.06
N PHE A 17 7.45 -3.47 -7.38
CA PHE A 17 6.32 -4.29 -7.82
C PHE A 17 5.40 -4.61 -6.65
N ALA A 18 6.00 -5.05 -5.53
CA ALA A 18 5.22 -5.36 -4.34
C ALA A 18 4.79 -4.07 -3.66
N GLY A 19 5.70 -3.10 -3.69
CA GLY A 19 5.46 -1.80 -3.09
C GLY A 19 4.18 -1.20 -3.66
N LEU A 20 3.99 -1.36 -4.96
CA LEU A 20 2.78 -0.83 -5.62
C LEU A 20 1.55 -1.61 -5.15
N LEU A 21 1.74 -2.91 -4.91
CA LEU A 21 0.64 -3.75 -4.45
C LEU A 21 0.26 -3.34 -3.02
N LEU A 22 1.29 -3.16 -2.19
CA LEU A 22 1.09 -2.73 -0.81
C LEU A 22 0.44 -1.35 -0.80
N LEU A 23 0.73 -0.56 -1.83
CA LEU A 23 0.16 0.77 -1.94
C LEU A 23 -1.31 0.70 -2.31
N MET A 24 -1.61 -0.09 -3.34
CA MET A 24 -2.98 -0.17 -3.85
C MET A 24 -3.99 -0.40 -2.72
N LEU A 25 -3.79 -1.40 -1.88
CA LEU A 25 -4.72 -1.65 -0.78
C LEU A 25 -4.78 -0.43 0.13
N LEU A 26 -3.64 0.24 0.25
CA LEU A 26 -3.54 1.42 1.11
C LEU A 26 -4.62 2.44 0.76
N ILE A 27 -4.84 2.69 -0.53
CA ILE A 27 -5.88 3.63 -0.93
C ILE A 27 -7.25 2.97 -0.85
N LEU A 28 -7.38 1.83 -1.52
CA LEU A 28 -8.65 1.11 -1.54
C LEU A 28 -9.17 1.02 -0.11
N ALA A 29 -8.30 0.61 0.81
CA ALA A 29 -8.68 0.50 2.20
C ALA A 29 -9.12 1.85 2.75
N LEU A 30 -8.52 2.93 2.24
CA LEU A 30 -8.87 4.26 2.70
C LEU A 30 -10.39 4.45 2.69
N TRP A 31 -11.01 4.11 1.56
CA TRP A 31 -12.45 4.24 1.44
C TRP A 31 -13.16 3.56 2.60
N LYS A 32 -12.61 2.45 3.07
CA LYS A 32 -13.19 1.76 4.22
C LYS A 32 -12.92 2.59 5.48
N ILE A 33 -11.77 3.25 5.47
CA ILE A 33 -11.36 4.08 6.59
C ILE A 33 -11.81 5.54 6.37
N GLY A 34 -12.59 5.77 5.31
CA GLY A 34 -13.06 7.12 5.00
C GLY A 34 -14.54 7.13 4.62
N PHE A 35 -14.90 6.32 3.62
CA PHE A 35 -16.29 6.27 3.18
C PHE A 35 -17.20 5.96 4.36
N PHE A 36 -16.68 5.20 5.31
CA PHE A 36 -17.44 4.86 6.50
C PHE A 36 -17.40 6.01 7.48
N LYS A 37 -16.91 7.16 6.98
CA LYS A 37 -16.79 8.39 7.75
C LYS A 37 -16.90 8.15 9.25
N ARG A 38 -16.12 7.17 9.73
CA ARG A 38 -16.11 6.80 11.16
C ARG A 38 -16.45 8.00 12.04
N PRO A 39 -17.70 8.21 12.37
CA PRO A 39 -18.13 9.34 13.22
C PRO A 39 -18.23 8.94 14.70
N LEU A 40 -17.14 8.38 15.23
CA LEU A 40 -17.11 7.95 16.63
C LEU A 40 -15.67 7.78 17.10
N LYS A 41 -15.46 7.93 18.41
CA LYS A 41 -14.12 7.78 18.97
C LYS A 41 -13.75 6.31 19.15
N LYS A 42 -13.03 5.77 18.17
CA LYS A 42 -12.62 4.37 18.22
C LYS A 42 -11.74 4.12 19.44
N LYS A 43 -10.53 4.67 19.44
CA LYS A 43 -9.61 4.49 20.56
C LYS A 43 -8.89 5.79 20.89
N MET A 44 -8.89 6.70 19.93
CA MET A 44 -8.25 8.02 20.10
C MET A 44 -6.74 7.91 20.22
N GLU A 45 -6.12 9.03 20.58
CA GLU A 45 -4.66 9.13 20.72
C GLU A 45 -4.05 7.87 21.31
N LYS A 46 -4.83 7.09 22.03
CA LYS A 46 -4.32 5.87 22.64
C LYS A 46 -4.51 4.67 21.72
N MET A 1 32.06 -19.21 5.40
CA MET A 1 31.10 -18.64 6.38
C MET A 1 30.84 -17.18 6.04
N GLY A 2 31.73 -16.60 5.24
CA GLY A 2 31.60 -15.20 4.84
C GLY A 2 30.22 -14.92 4.26
N LEU A 3 29.71 -13.72 4.53
CA LEU A 3 28.41 -13.30 4.02
C LEU A 3 28.60 -12.23 2.94
N PRO A 4 28.15 -12.44 1.72
CA PRO A 4 28.32 -11.42 0.64
C PRO A 4 27.32 -10.27 0.78
N GLY A 5 26.07 -10.51 0.45
CA GLY A 5 25.06 -9.46 0.53
C GLY A 5 24.93 -8.73 -0.81
N ARG A 6 25.03 -9.49 -1.89
CA ARG A 6 24.91 -8.93 -3.23
C ARG A 6 23.79 -7.89 -3.26
N VAL A 7 23.80 -7.03 -4.28
CA VAL A 7 22.76 -6.02 -4.43
C VAL A 7 22.19 -6.08 -5.85
N PRO A 8 21.19 -6.88 -6.09
CA PRO A 8 20.55 -6.98 -7.44
C PRO A 8 19.71 -5.76 -7.78
N LEU A 9 19.95 -5.17 -8.94
CA LEU A 9 19.17 -4.01 -9.36
C LEU A 9 17.74 -4.46 -9.63
N TRP A 10 17.62 -5.66 -10.17
CA TRP A 10 16.32 -6.23 -10.49
C TRP A 10 15.44 -6.24 -9.25
N VAL A 11 16.03 -6.53 -8.09
CA VAL A 11 15.28 -6.59 -6.85
C VAL A 11 14.46 -5.32 -6.62
N ILE A 12 14.98 -4.18 -7.04
CA ILE A 12 14.25 -2.93 -6.85
C ILE A 12 12.84 -3.06 -7.39
N LEU A 13 12.69 -3.74 -8.52
CA LEU A 13 11.36 -3.90 -9.10
C LEU A 13 10.47 -4.64 -8.12
N LEU A 14 10.91 -5.81 -7.67
CA LEU A 14 10.14 -6.58 -6.71
C LEU A 14 9.88 -5.72 -5.49
N SER A 15 10.83 -4.84 -5.20
CA SER A 15 10.66 -3.96 -4.06
C SER A 15 9.51 -3.02 -4.36
N ALA A 16 9.65 -2.26 -5.43
CA ALA A 16 8.62 -1.30 -5.83
C ALA A 16 7.30 -2.01 -6.07
N PHE A 17 7.34 -3.28 -6.49
CA PHE A 17 6.13 -4.03 -6.76
C PHE A 17 5.49 -4.51 -5.46
N ALA A 18 6.31 -5.05 -4.56
CA ALA A 18 5.82 -5.53 -3.28
C ALA A 18 5.30 -4.39 -2.43
N GLY A 19 5.90 -3.22 -2.60
CA GLY A 19 5.49 -2.04 -1.86
C GLY A 19 4.19 -1.48 -2.43
N LEU A 20 4.05 -1.58 -3.75
CA LEU A 20 2.86 -1.08 -4.41
C LEU A 20 1.64 -1.92 -4.05
N LEU A 21 1.82 -3.23 -3.96
CA LEU A 21 0.72 -4.12 -3.62
C LEU A 21 0.29 -3.91 -2.19
N LEU A 22 1.26 -3.84 -1.30
CA LEU A 22 0.98 -3.63 0.11
C LEU A 22 0.46 -2.21 0.31
N LEU A 23 0.98 -1.27 -0.48
CA LEU A 23 0.54 0.12 -0.35
C LEU A 23 -0.85 0.29 -0.97
N MET A 24 -1.01 -0.17 -2.20
CA MET A 24 -2.28 0.02 -2.89
C MET A 24 -3.43 -0.32 -1.95
N LEU A 25 -3.42 -1.50 -1.35
CA LEU A 25 -4.49 -1.86 -0.42
C LEU A 25 -4.65 -0.76 0.63
N LEU A 26 -3.53 -0.15 1.00
CA LEU A 26 -3.55 0.92 1.99
C LEU A 26 -4.47 2.05 1.54
N ILE A 27 -4.31 2.47 0.28
CA ILE A 27 -5.17 3.51 -0.27
C ILE A 27 -6.54 2.91 -0.58
N LEU A 28 -6.51 1.81 -1.32
CA LEU A 28 -7.74 1.14 -1.70
C LEU A 28 -8.64 1.04 -0.47
N ALA A 29 -8.06 0.65 0.66
CA ALA A 29 -8.82 0.53 1.90
C ALA A 29 -9.35 1.89 2.37
N LEU A 30 -8.57 2.95 2.13
CA LEU A 30 -9.00 4.29 2.54
C LEU A 30 -10.40 4.57 2.03
N TRP A 31 -10.64 4.27 0.76
CA TRP A 31 -11.95 4.48 0.16
C TRP A 31 -13.05 3.90 1.04
N LYS A 32 -12.72 2.82 1.74
CA LYS A 32 -13.67 2.19 2.65
C LYS A 32 -13.82 3.03 3.91
N ILE A 33 -12.69 3.51 4.42
CA ILE A 33 -12.69 4.33 5.63
C ILE A 33 -12.79 5.81 5.28
N GLY A 34 -12.97 6.09 3.99
CA GLY A 34 -13.07 7.47 3.51
C GLY A 34 -14.46 7.73 2.95
N PHE A 35 -14.83 6.98 1.93
CA PHE A 35 -16.15 7.13 1.32
C PHE A 35 -17.22 6.96 2.38
N PHE A 36 -16.86 6.26 3.46
CA PHE A 36 -17.81 6.03 4.56
C PHE A 36 -17.69 7.12 5.62
N LYS A 37 -16.88 8.14 5.34
CA LYS A 37 -16.70 9.24 6.28
C LYS A 37 -17.43 10.49 5.81
N ARG A 38 -18.18 10.36 4.72
CA ARG A 38 -18.92 11.47 4.16
C ARG A 38 -18.10 12.76 4.24
N PRO A 39 -17.11 12.87 3.39
CA PRO A 39 -16.22 14.08 3.36
C PRO A 39 -16.99 15.35 3.03
N LEU A 40 -16.29 16.32 2.44
CA LEU A 40 -16.90 17.58 2.07
C LEU A 40 -17.87 18.05 3.16
N LYS A 41 -17.34 18.14 4.38
CA LYS A 41 -18.13 18.55 5.54
C LYS A 41 -19.20 19.58 5.16
N LYS A 42 -18.92 20.41 4.14
CA LYS A 42 -19.87 21.45 3.73
C LYS A 42 -20.23 21.32 2.26
N LYS A 43 -21.25 20.50 1.98
CA LYS A 43 -21.74 20.29 0.61
C LYS A 43 -20.60 20.39 -0.41
N MET A 44 -20.96 20.76 -1.64
CA MET A 44 -19.97 20.89 -2.71
C MET A 44 -19.53 22.34 -2.84
N GLU A 45 -20.14 23.07 -3.78
CA GLU A 45 -19.81 24.47 -4.00
C GLU A 45 -20.90 25.16 -4.80
N LYS A 46 -22.05 24.50 -4.93
CA LYS A 46 -23.17 25.06 -5.68
C LYS A 46 -24.47 24.36 -5.31
N MET A 1 31.84 -14.82 4.19
CA MET A 1 30.53 -15.54 4.26
C MET A 1 29.51 -14.64 4.98
N GLY A 2 28.55 -14.13 4.22
CA GLY A 2 27.52 -13.27 4.78
C GLY A 2 27.01 -12.27 3.75
N LEU A 3 26.95 -11.00 4.14
CA LEU A 3 26.48 -9.96 3.25
C LEU A 3 27.65 -9.06 2.81
N PRO A 4 27.95 -8.98 1.52
CA PRO A 4 29.06 -8.11 1.03
C PRO A 4 28.59 -6.67 0.83
N GLY A 5 27.27 -6.50 0.86
CA GLY A 5 26.67 -5.19 0.66
C GLY A 5 26.39 -4.95 -0.81
N ARG A 6 26.14 -6.06 -1.52
CA ARG A 6 25.84 -5.99 -2.95
C ARG A 6 24.57 -5.17 -3.16
N VAL A 7 24.39 -4.68 -4.39
CA VAL A 7 23.19 -3.90 -4.71
C VAL A 7 22.49 -4.50 -5.93
N PRO A 8 21.59 -5.44 -5.74
CA PRO A 8 20.83 -6.07 -6.86
C PRO A 8 19.79 -5.12 -7.46
N LEU A 9 19.85 -4.95 -8.77
CA LEU A 9 18.90 -4.10 -9.47
C LEU A 9 17.51 -4.72 -9.46
N TRP A 10 17.47 -6.03 -9.64
CA TRP A 10 16.22 -6.78 -9.67
C TRP A 10 15.43 -6.56 -8.39
N VAL A 11 16.13 -6.57 -7.26
CA VAL A 11 15.47 -6.39 -5.97
C VAL A 11 14.68 -5.09 -5.95
N ILE A 12 15.23 -4.06 -6.58
CA ILE A 12 14.57 -2.77 -6.63
C ILE A 12 13.22 -2.87 -7.34
N LEU A 13 13.19 -3.54 -8.49
CA LEU A 13 11.95 -3.66 -9.24
C LEU A 13 10.95 -4.48 -8.47
N LEU A 14 11.32 -5.70 -8.09
CA LEU A 14 10.42 -6.55 -7.35
C LEU A 14 9.99 -5.84 -6.08
N SER A 15 10.94 -5.10 -5.49
CA SER A 15 10.64 -4.39 -4.26
C SER A 15 9.50 -3.42 -4.52
N ALA A 16 9.69 -2.55 -5.49
CA ALA A 16 8.66 -1.58 -5.83
C ALA A 16 7.36 -2.29 -6.22
N PHE A 17 7.49 -3.50 -6.77
CA PHE A 17 6.29 -4.24 -7.17
C PHE A 17 5.55 -4.77 -5.95
N ALA A 18 6.30 -5.33 -5.00
CA ALA A 18 5.69 -5.85 -3.79
C ALA A 18 5.14 -4.70 -2.96
N GLY A 19 5.81 -3.55 -3.05
CA GLY A 19 5.38 -2.36 -2.32
C GLY A 19 4.10 -1.80 -2.91
N LEU A 20 4.05 -1.74 -4.25
CA LEU A 20 2.87 -1.23 -4.94
C LEU A 20 1.61 -1.95 -4.48
N LEU A 21 1.76 -3.23 -4.16
CA LEU A 21 0.63 -4.03 -3.71
C LEU A 21 0.28 -3.71 -2.27
N LEU A 22 1.30 -3.62 -1.43
CA LEU A 22 1.11 -3.31 -0.03
C LEU A 22 0.63 -1.87 0.16
N LEU A 23 1.11 -0.97 -0.69
CA LEU A 23 0.71 0.43 -0.58
C LEU A 23 -0.74 0.59 -1.04
N MET A 24 -1.01 0.14 -2.27
CA MET A 24 -2.34 0.33 -2.84
C MET A 24 -3.42 0.00 -1.81
N LEU A 25 -3.29 -1.11 -1.11
CA LEU A 25 -4.29 -1.46 -0.10
C LEU A 25 -4.55 -0.28 0.81
N LEU A 26 -3.51 0.50 1.05
CA LEU A 26 -3.62 1.70 1.91
C LEU A 26 -4.64 2.67 1.32
N ILE A 27 -4.52 2.94 0.03
CA ILE A 27 -5.44 3.83 -0.68
C ILE A 27 -6.77 3.15 -0.94
N LEU A 28 -6.68 1.85 -1.21
CA LEU A 28 -7.87 1.06 -1.47
C LEU A 28 -8.71 0.98 -0.19
N ALA A 29 -8.04 0.70 0.93
CA ALA A 29 -8.72 0.59 2.21
C ALA A 29 -9.34 1.92 2.62
N LEU A 30 -8.63 3.02 2.36
CA LEU A 30 -9.13 4.34 2.74
C LEU A 30 -10.56 4.55 2.22
N TRP A 31 -10.78 4.23 0.95
CA TRP A 31 -12.09 4.39 0.34
C TRP A 31 -13.19 3.75 1.20
N LYS A 32 -12.84 2.66 1.87
CA LYS A 32 -13.79 1.97 2.74
C LYS A 32 -14.00 2.76 4.03
N ILE A 33 -12.89 3.24 4.59
CA ILE A 33 -12.95 4.00 5.85
C ILE A 33 -13.05 5.50 5.58
N GLY A 34 -13.23 5.86 4.31
CA GLY A 34 -13.34 7.26 3.92
C GLY A 34 -14.66 7.51 3.19
N PHE A 35 -14.76 6.99 1.97
CA PHE A 35 -15.97 7.16 1.18
C PHE A 35 -17.20 6.95 2.04
N PHE A 36 -17.06 6.11 3.05
CA PHE A 36 -18.15 5.82 3.97
C PHE A 36 -18.18 6.87 5.08
N LYS A 37 -16.99 7.32 5.46
CA LYS A 37 -16.87 8.32 6.52
C LYS A 37 -17.28 9.69 6.02
N ARG A 38 -18.39 9.72 5.26
CA ARG A 38 -18.96 10.97 4.72
C ARG A 38 -17.92 12.09 4.65
N PRO A 39 -17.12 12.15 3.61
CA PRO A 39 -16.07 13.21 3.44
C PRO A 39 -16.67 14.62 3.41
N LEU A 40 -17.27 15.02 4.51
CA LEU A 40 -17.88 16.35 4.61
C LEU A 40 -18.60 16.70 3.32
N LYS A 41 -18.13 17.77 2.66
CA LYS A 41 -18.73 18.21 1.40
C LYS A 41 -17.70 18.14 0.28
N LYS A 42 -17.84 17.12 -0.58
CA LYS A 42 -16.94 16.92 -1.71
C LYS A 42 -15.53 17.43 -1.38
N LYS A 43 -14.80 17.86 -2.41
CA LYS A 43 -13.45 18.36 -2.21
C LYS A 43 -12.86 18.85 -3.54
N MET A 44 -11.79 19.65 -3.44
CA MET A 44 -11.13 20.18 -4.63
C MET A 44 -10.96 19.09 -5.68
N GLU A 45 -9.79 18.47 -5.69
CA GLU A 45 -9.51 17.42 -6.65
C GLU A 45 -9.73 17.92 -8.07
N LYS A 46 -10.67 17.30 -8.77
CA LYS A 46 -10.97 17.69 -10.15
C LYS A 46 -11.51 19.13 -10.18
N MET A 1 16.59 -11.33 12.61
CA MET A 1 17.41 -10.54 11.65
C MET A 1 18.22 -11.50 10.78
N GLY A 2 18.81 -10.97 9.72
CA GLY A 2 19.62 -11.80 8.83
C GLY A 2 19.71 -11.19 7.43
N LEU A 3 20.34 -10.02 7.34
CA LEU A 3 20.49 -9.36 6.04
C LEU A 3 21.59 -10.05 5.24
N PRO A 4 21.49 -10.09 3.93
CA PRO A 4 22.51 -10.76 3.06
C PRO A 4 23.79 -9.92 2.95
N GLY A 5 23.71 -8.69 3.46
CA GLY A 5 24.86 -7.78 3.41
C GLY A 5 24.96 -7.12 2.04
N ARG A 6 24.26 -7.68 1.06
CA ARG A 6 24.28 -7.14 -0.30
C ARG A 6 22.86 -7.08 -0.87
N VAL A 7 22.51 -5.94 -1.45
CA VAL A 7 21.18 -5.76 -2.03
C VAL A 7 21.26 -5.83 -3.56
N PRO A 8 20.84 -6.91 -4.19
CA PRO A 8 20.90 -7.01 -5.67
C PRO A 8 19.88 -6.09 -6.35
N LEU A 9 20.31 -5.45 -7.42
CA LEU A 9 19.44 -4.54 -8.16
C LEU A 9 18.07 -5.18 -8.40
N TRP A 10 18.06 -6.49 -8.58
CA TRP A 10 16.80 -7.20 -8.81
C TRP A 10 15.83 -6.93 -7.67
N VAL A 11 16.37 -6.93 -6.46
CA VAL A 11 15.55 -6.71 -5.26
C VAL A 11 14.75 -5.42 -5.38
N ILE A 12 15.35 -4.39 -5.96
CA ILE A 12 14.67 -3.11 -6.11
C ILE A 12 13.41 -3.25 -6.96
N LEU A 13 13.49 -4.03 -8.02
CA LEU A 13 12.35 -4.20 -8.91
C LEU A 13 11.19 -4.83 -8.17
N LEU A 14 11.43 -5.97 -7.52
CA LEU A 14 10.37 -6.63 -6.78
C LEU A 14 9.87 -5.71 -5.67
N SER A 15 10.79 -4.94 -5.12
CA SER A 15 10.44 -4.04 -4.03
C SER A 15 9.37 -3.08 -4.50
N ALA A 16 9.66 -2.36 -5.58
CA ALA A 16 8.70 -1.40 -6.12
C ALA A 16 7.40 -2.10 -6.47
N PHE A 17 7.47 -3.38 -6.83
CA PHE A 17 6.27 -4.11 -7.19
C PHE A 17 5.44 -4.41 -5.94
N ALA A 18 6.12 -4.85 -4.88
CA ALA A 18 5.42 -5.12 -3.64
C ALA A 18 4.82 -3.83 -3.12
N GLY A 19 5.44 -2.72 -3.51
CA GLY A 19 4.98 -1.40 -3.12
C GLY A 19 3.75 -1.00 -3.91
N LEU A 20 3.68 -1.45 -5.16
CA LEU A 20 2.54 -1.13 -6.02
C LEU A 20 1.27 -1.80 -5.52
N LEU A 21 1.41 -3.02 -5.01
CA LEU A 21 0.26 -3.75 -4.49
C LEU A 21 -0.16 -3.19 -3.14
N LEU A 22 0.84 -2.98 -2.28
CA LEU A 22 0.59 -2.43 -0.96
C LEU A 22 0.02 -1.03 -1.08
N LEU A 23 0.46 -0.31 -2.12
CA LEU A 23 -0.03 1.04 -2.32
C LEU A 23 -1.52 1.00 -2.66
N MET A 24 -1.86 0.24 -3.71
CA MET A 24 -3.24 0.16 -4.16
C MET A 24 -4.19 -0.10 -2.99
N LEU A 25 -3.91 -1.13 -2.20
CA LEU A 25 -4.77 -1.44 -1.06
C LEU A 25 -4.79 -0.27 -0.07
N LEU A 26 -3.65 0.39 0.06
CA LEU A 26 -3.54 1.52 0.98
C LEU A 26 -4.60 2.58 0.65
N ILE A 27 -4.85 2.80 -0.64
CA ILE A 27 -5.88 3.75 -1.03
C ILE A 27 -7.25 3.09 -0.91
N LEU A 28 -7.39 1.97 -1.61
CA LEU A 28 -8.64 1.23 -1.62
C LEU A 28 -9.15 1.04 -0.18
N ALA A 29 -8.26 0.67 0.73
CA ALA A 29 -8.65 0.48 2.13
C ALA A 29 -9.04 1.82 2.75
N LEU A 30 -8.33 2.88 2.34
CA LEU A 30 -8.60 4.20 2.86
C LEU A 30 -10.08 4.53 2.77
N TRP A 31 -10.71 4.14 1.66
CA TRP A 31 -12.13 4.40 1.47
C TRP A 31 -12.96 3.63 2.50
N LYS A 32 -12.46 2.47 2.89
CA LYS A 32 -13.16 1.67 3.88
C LYS A 32 -12.96 2.33 5.25
N ILE A 33 -11.71 2.65 5.54
CA ILE A 33 -11.36 3.30 6.79
C ILE A 33 -11.59 4.80 6.68
N GLY A 34 -12.18 5.22 5.56
CA GLY A 34 -12.45 6.63 5.32
C GLY A 34 -13.96 6.89 5.26
N PHE A 35 -14.56 6.57 4.12
CA PHE A 35 -15.99 6.77 3.94
C PHE A 35 -16.75 6.34 5.19
N PHE A 36 -16.13 5.44 5.92
CA PHE A 36 -16.70 4.97 7.17
C PHE A 36 -16.27 5.92 8.28
N LYS A 37 -14.97 6.22 8.29
CA LYS A 37 -14.41 7.12 9.28
C LYS A 37 -14.69 8.57 8.90
N ARG A 38 -15.70 8.74 8.05
CA ARG A 38 -16.07 10.08 7.59
C ARG A 38 -17.48 10.45 8.05
N PRO A 39 -17.62 10.99 9.25
CA PRO A 39 -18.94 11.41 9.80
C PRO A 39 -19.69 12.36 8.87
N LEU A 40 -20.28 13.41 9.44
CA LEU A 40 -21.02 14.38 8.62
C LEU A 40 -20.85 15.79 9.17
N LYS A 41 -20.59 16.73 8.28
CA LYS A 41 -20.40 18.13 8.66
C LYS A 41 -21.49 18.56 9.64
N LYS A 42 -21.38 19.78 10.14
CA LYS A 42 -22.37 20.29 11.08
C LYS A 42 -23.65 20.69 10.35
N LYS A 43 -24.80 20.35 10.95
CA LYS A 43 -26.09 20.67 10.36
C LYS A 43 -26.06 22.00 9.60
N MET A 44 -25.98 21.90 8.27
CA MET A 44 -25.94 23.10 7.44
C MET A 44 -27.33 23.40 6.87
N GLU A 45 -27.49 23.18 5.57
CA GLU A 45 -28.77 23.43 4.92
C GLU A 45 -28.88 22.61 3.63
N LYS A 46 -30.08 22.08 3.37
CA LYS A 46 -30.30 21.28 2.18
C LYS A 46 -31.03 22.09 1.12
N MET A 1 19.09 -5.04 8.61
CA MET A 1 20.36 -5.80 8.82
C MET A 1 20.18 -7.23 8.31
N GLY A 2 21.21 -8.04 8.49
CA GLY A 2 21.16 -9.43 8.04
C GLY A 2 21.00 -9.51 6.52
N LEU A 3 21.94 -8.91 5.81
CA LEU A 3 21.91 -8.91 4.35
C LEU A 3 23.02 -9.84 3.81
N PRO A 4 22.82 -10.44 2.65
CA PRO A 4 23.84 -11.34 2.06
C PRO A 4 25.05 -10.59 1.53
N GLY A 5 24.92 -9.28 1.38
CA GLY A 5 26.01 -8.46 0.85
C GLY A 5 25.93 -8.36 -0.66
N ARG A 6 24.70 -8.36 -1.18
CA ARG A 6 24.48 -8.24 -2.61
C ARG A 6 23.21 -7.43 -2.86
N VAL A 7 23.22 -6.64 -3.94
CA VAL A 7 22.05 -5.84 -4.29
C VAL A 7 21.64 -6.08 -5.74
N PRO A 8 20.76 -7.02 -6.00
CA PRO A 8 20.30 -7.31 -7.38
C PRO A 8 19.37 -6.22 -7.91
N LEU A 9 19.58 -5.83 -9.16
CA LEU A 9 18.74 -4.79 -9.77
C LEU A 9 17.27 -5.11 -9.51
N TRP A 10 16.95 -6.39 -9.53
CA TRP A 10 15.58 -6.83 -9.29
C TRP A 10 15.06 -6.30 -7.96
N VAL A 11 15.98 -6.12 -7.01
CA VAL A 11 15.59 -5.62 -5.69
C VAL A 11 14.74 -4.36 -5.81
N ILE A 12 15.09 -3.53 -6.79
CA ILE A 12 14.34 -2.30 -7.00
C ILE A 12 12.92 -2.59 -7.49
N LEU A 13 12.82 -3.49 -8.46
CA LEU A 13 11.51 -3.87 -8.99
C LEU A 13 10.79 -4.74 -7.97
N LEU A 14 11.45 -5.82 -7.58
CA LEU A 14 10.87 -6.76 -6.61
C LEU A 14 10.39 -6.01 -5.39
N SER A 15 11.06 -4.92 -5.05
CA SER A 15 10.65 -4.13 -3.91
C SER A 15 9.48 -3.28 -4.31
N ALA A 16 9.70 -2.44 -5.32
CA ALA A 16 8.65 -1.55 -5.80
C ALA A 16 7.37 -2.34 -6.01
N PHE A 17 7.46 -3.45 -6.72
CA PHE A 17 6.28 -4.27 -6.99
C PHE A 17 5.65 -4.73 -5.69
N ALA A 18 6.47 -5.18 -4.75
CA ALA A 18 5.97 -5.65 -3.45
C ALA A 18 5.25 -4.52 -2.73
N GLY A 19 5.85 -3.34 -2.72
CA GLY A 19 5.25 -2.19 -2.04
C GLY A 19 4.03 -1.68 -2.80
N LEU A 20 4.05 -1.81 -4.12
CA LEU A 20 2.94 -1.34 -4.94
C LEU A 20 1.64 -2.00 -4.49
N LEU A 21 1.67 -3.31 -4.34
CA LEU A 21 0.48 -4.05 -3.93
C LEU A 21 -0.08 -3.46 -2.64
N LEU A 22 0.81 -3.21 -1.69
CA LEU A 22 0.39 -2.61 -0.45
C LEU A 22 -0.11 -1.20 -0.74
N LEU A 23 0.65 -0.49 -1.58
CA LEU A 23 0.31 0.88 -1.94
C LEU A 23 -1.14 0.98 -2.43
N MET A 24 -1.60 -0.06 -3.10
CA MET A 24 -2.99 -0.08 -3.56
C MET A 24 -3.91 -0.39 -2.37
N LEU A 25 -3.61 -1.49 -1.71
CA LEU A 25 -4.42 -1.96 -0.59
C LEU A 25 -4.61 -0.89 0.47
N LEU A 26 -3.54 -0.23 0.90
CA LEU A 26 -3.66 0.79 1.94
C LEU A 26 -4.45 2.00 1.45
N ILE A 27 -4.05 2.56 0.31
CA ILE A 27 -4.74 3.73 -0.23
C ILE A 27 -6.16 3.37 -0.64
N LEU A 28 -6.33 2.17 -1.15
CA LEU A 28 -7.65 1.71 -1.52
C LEU A 28 -8.45 1.44 -0.25
N ALA A 29 -7.80 0.77 0.72
CA ALA A 29 -8.45 0.43 1.98
C ALA A 29 -8.97 1.69 2.67
N LEU A 30 -8.13 2.72 2.79
CA LEU A 30 -8.57 3.95 3.43
C LEU A 30 -9.87 4.44 2.83
N TRP A 31 -9.91 4.51 1.51
CA TRP A 31 -11.09 5.00 0.81
C TRP A 31 -12.34 4.34 1.37
N LYS A 32 -12.25 3.06 1.67
CA LYS A 32 -13.38 2.32 2.23
C LYS A 32 -13.69 2.84 3.62
N ILE A 33 -12.64 3.03 4.43
CA ILE A 33 -12.83 3.54 5.77
C ILE A 33 -13.35 4.97 5.69
N GLY A 34 -13.36 5.48 4.45
CA GLY A 34 -13.86 6.82 4.19
C GLY A 34 -15.28 6.74 3.66
N PHE A 35 -15.96 5.65 4.01
CA PHE A 35 -17.36 5.42 3.59
C PHE A 35 -17.50 5.29 2.07
N PHE A 36 -16.57 5.89 1.32
CA PHE A 36 -16.65 5.84 -0.13
C PHE A 36 -17.11 4.47 -0.60
N LYS A 37 -16.76 3.43 0.15
CA LYS A 37 -17.13 2.05 -0.20
C LYS A 37 -18.60 1.93 -0.63
N ARG A 38 -19.36 3.02 -0.53
CA ARG A 38 -20.77 3.01 -0.93
C ARG A 38 -21.43 1.69 -0.53
N PRO A 39 -22.01 1.60 0.64
CA PRO A 39 -22.67 0.35 1.10
C PRO A 39 -24.02 0.12 0.43
N LEU A 40 -24.53 1.17 -0.23
CA LEU A 40 -25.82 1.06 -0.92
C LEU A 40 -25.75 1.75 -2.28
N LYS A 41 -25.63 0.97 -3.34
CA LYS A 41 -25.56 1.51 -4.70
C LYS A 41 -26.90 1.33 -5.42
N LYS A 42 -26.86 1.39 -6.75
CA LYS A 42 -28.07 1.23 -7.54
C LYS A 42 -28.91 0.08 -7.01
N LYS A 43 -30.21 0.33 -6.85
CA LYS A 43 -31.12 -0.70 -6.34
C LYS A 43 -30.75 -1.09 -4.92
N MET A 44 -31.46 -0.51 -3.95
CA MET A 44 -31.20 -0.80 -2.54
C MET A 44 -30.92 -2.29 -2.34
N GLU A 45 -29.73 -2.59 -1.83
CA GLU A 45 -29.35 -3.97 -1.58
C GLU A 45 -30.22 -4.57 -0.47
N LYS A 46 -30.27 -3.89 0.67
CA LYS A 46 -31.06 -4.35 1.80
C LYS A 46 -32.34 -3.52 1.93
#